data_3R13
#
_entry.id   3R13
#
_cell.length_a   53.904
_cell.length_b   52.481
_cell.length_c   85.462
_cell.angle_alpha   90.00
_cell.angle_beta   95.59
_cell.angle_gamma   90.00
#
_symmetry.space_group_name_H-M   'P 1 21 1'
#
loop_
_entity.id
_entity.type
_entity.pdbx_description
1 polymer 'Deoxyribose-phosphate aldolase'
2 non-polymer 'UNKNOWN LIGAND'
3 non-polymer 'ACETATE ION'
4 non-polymer GLYCEROL
5 water water
#
_entity_poly.entity_id   1
_entity_poly.type   'polypeptide(L)'
_entity_poly.pdbx_seq_one_letter_code
;(MSE)GSDKIHHHHHH(MSE)IEYRIEEAVAKYREFYEFKPVRESAGIEDVKSAIEHTNLKPFATPDDIKKLCLEARENR
FHGVCVNPCYVKLAREELEGTDVKVVTVVGFPLGANETRTKAHEAIFAVESGADEID(MSE)VINVG(MSE)LKAKEWEY
VYEDIRSVVESVKGKVVKVIIETCYLDTEEKIAACVISKLAGAHFVKTSTGFGTGGATAEDVHL(MSE)KWIVGDE
(MSE)GVKASGGIRTFEDAVK(MSE)I(MSE)YGADRIGTSSGVKIVQGGEERYGG
;
_entity_poly.pdbx_strand_id   A,B
#
# COMPACT_ATOMS: atom_id res chain seq x y z
N SER A 3 -15.80 23.03 -13.49
CA SER A 3 -16.12 23.20 -14.95
C SER A 3 -14.93 22.75 -15.80
N ASP A 4 -15.22 22.08 -16.92
CA ASP A 4 -14.18 21.60 -17.86
C ASP A 4 -13.32 22.74 -18.37
N LYS A 5 -13.98 23.82 -18.83
CA LYS A 5 -13.30 25.03 -19.28
C LYS A 5 -12.25 25.47 -18.26
N ILE A 6 -12.67 25.66 -17.00
CA ILE A 6 -11.77 26.09 -15.91
C ILE A 6 -10.61 25.09 -15.69
N HIS A 7 -10.95 23.80 -15.61
CA HIS A 7 -9.94 22.72 -15.41
C HIS A 7 -9.00 22.53 -16.58
N HIS A 8 -9.51 22.71 -17.80
CA HIS A 8 -8.70 22.68 -19.00
C HIS A 8 -7.70 23.83 -19.03
N HIS A 9 -8.16 25.04 -18.71
CA HIS A 9 -7.28 26.20 -18.61
C HIS A 9 -6.23 25.97 -17.54
N HIS A 10 -6.68 25.44 -16.40
CA HIS A 10 -5.75 25.24 -15.28
C HIS A 10 -4.67 24.18 -15.66
N HIS A 11 -5.08 23.12 -16.34
CA HIS A 11 -4.16 22.10 -16.87
C HIS A 11 -3.11 22.73 -17.79
N HIS A 12 -3.55 23.64 -18.65
CA HIS A 12 -2.66 24.39 -19.50
C HIS A 12 -1.64 25.25 -18.70
N ILE A 14 -0.57 24.69 -15.71
CA ILE A 14 0.38 23.77 -15.06
C ILE A 14 1.47 23.32 -16.07
N GLU A 15 1.05 23.00 -17.28
CA GLU A 15 1.97 22.54 -18.31
C GLU A 15 3.01 23.61 -18.58
N TYR A 16 2.57 24.88 -18.69
CA TYR A 16 3.51 25.98 -18.90
C TYR A 16 4.46 26.20 -17.72
N ARG A 17 3.98 26.05 -16.49
CA ARG A 17 4.87 26.14 -15.31
C ARG A 17 5.87 25.01 -15.31
N ILE A 18 5.44 23.81 -15.67
CA ILE A 18 6.39 22.71 -15.76
C ILE A 18 7.47 23.01 -16.82
N GLU A 19 7.05 23.42 -18.02
CA GLU A 19 8.00 23.76 -19.08
C GLU A 19 8.95 24.88 -18.69
N GLU A 20 8.46 25.85 -17.96
CA GLU A 20 9.35 26.91 -17.48
C GLU A 20 10.46 26.34 -16.58
N ALA A 21 10.09 25.40 -15.72
CA ALA A 21 11.05 24.81 -14.78
C ALA A 21 12.05 23.97 -15.51
N VAL A 22 11.55 23.19 -16.47
CA VAL A 22 12.43 22.37 -17.28
C VAL A 22 13.40 23.24 -18.04
N ALA A 23 12.93 24.36 -18.63
CA ALA A 23 13.84 25.27 -19.36
C ALA A 23 14.92 25.87 -18.43
N LYS A 24 14.52 26.27 -17.23
CA LYS A 24 15.49 26.81 -16.28
C LYS A 24 16.48 25.73 -15.87
N TYR A 25 15.99 24.50 -15.62
CA TYR A 25 16.88 23.38 -15.29
C TYR A 25 17.91 23.17 -16.42
N ARG A 26 17.46 23.17 -17.67
CA ARG A 26 18.34 22.85 -18.78
C ARG A 26 19.42 23.88 -18.94
N GLU A 27 19.06 25.14 -18.74
CA GLU A 27 20.00 26.24 -18.91
C GLU A 27 20.92 26.53 -17.69
N PHE A 28 20.44 26.35 -16.47
CA PHE A 28 21.14 26.83 -15.27
C PHE A 28 21.47 25.80 -14.20
N TYR A 29 20.93 24.57 -14.27
CA TYR A 29 21.11 23.62 -13.20
C TYR A 29 22.55 23.15 -13.10
N GLU A 30 23.05 22.99 -11.86
CA GLU A 30 24.32 22.32 -11.59
C GLU A 30 24.28 21.56 -10.25
N PHE A 31 24.83 20.36 -10.23
CA PHE A 31 24.77 19.50 -9.09
C PHE A 31 25.97 19.80 -8.18
N LYS A 32 25.69 20.24 -6.96
CA LYS A 32 26.72 20.46 -5.94
C LYS A 32 26.06 20.58 -4.56
N PRO A 33 26.86 20.52 -3.49
CA PRO A 33 26.24 20.58 -2.15
C PRO A 33 25.60 21.92 -1.85
N VAL A 34 24.55 21.90 -1.04
CA VAL A 34 23.96 23.11 -0.51
C VAL A 34 24.54 23.49 0.84
N ARG A 35 25.17 22.54 1.55
CA ARG A 35 25.76 22.80 2.87
CA ARG A 35 25.74 22.77 2.88
C ARG A 35 27.18 22.25 2.97
N GLU A 36 27.98 22.91 3.82
CA GLU A 36 29.39 22.57 4.08
C GLU A 36 29.56 21.25 4.83
N SER A 37 28.59 20.91 5.68
CA SER A 37 28.75 19.76 6.57
C SER A 37 27.46 19.50 7.33
N ALA A 38 27.44 18.40 8.07
CA ALA A 38 26.30 18.05 8.93
C ALA A 38 26.76 17.23 10.15
N GLY A 39 26.41 17.70 11.34
CA GLY A 39 26.81 17.08 12.59
C GLY A 39 25.75 16.14 13.13
N ILE A 40 26.08 15.45 14.21
N ILE A 40 26.10 15.44 14.21
CA ILE A 40 25.18 14.48 14.84
CA ILE A 40 25.20 14.48 14.85
C ILE A 40 23.82 15.09 15.22
C ILE A 40 23.83 15.09 15.23
N GLU A 41 23.85 16.30 15.78
CA GLU A 41 22.61 16.97 16.24
C GLU A 41 21.75 17.37 15.09
N ASP A 42 22.36 17.86 14.01
CA ASP A 42 21.64 18.12 12.74
C ASP A 42 20.95 16.85 12.21
N VAL A 43 21.65 15.72 12.20
CA VAL A 43 21.06 14.46 11.78
C VAL A 43 19.88 14.05 12.71
N LYS A 44 20.08 14.06 14.03
CA LYS A 44 18.96 13.75 14.90
C LYS A 44 17.75 14.61 14.60
N SER A 45 17.96 15.91 14.49
N SER A 45 17.98 15.92 14.48
CA SER A 45 16.86 16.84 14.24
CA SER A 45 16.89 16.86 14.25
C SER A 45 16.14 16.61 12.92
C SER A 45 16.16 16.64 12.92
N ALA A 46 16.76 15.90 11.98
CA ALA A 46 16.17 15.67 10.67
C ALA A 46 15.40 14.34 10.61
N ILE A 47 15.67 13.44 11.54
CA ILE A 47 15.17 12.09 11.49
C ILE A 47 13.71 11.97 11.95
N GLU A 48 12.94 11.33 11.07
CA GLU A 48 11.62 10.82 11.35
C GLU A 48 11.76 9.27 11.43
N HIS A 49 11.68 8.78 12.66
CA HIS A 49 12.00 7.40 13.02
C HIS A 49 10.78 6.55 12.71
N THR A 50 10.96 5.60 11.78
CA THR A 50 9.87 5.01 11.03
C THR A 50 9.72 3.49 11.23
N ASN A 51 8.48 3.05 11.40
CA ASN A 51 8.16 1.64 11.23
C ASN A 51 6.79 1.56 10.57
N LEU A 52 6.82 1.23 9.28
CA LEU A 52 5.66 1.07 8.43
C LEU A 52 5.49 -0.38 7.99
N LYS A 53 6.15 -1.31 8.66
CA LYS A 53 6.03 -2.73 8.31
C LYS A 53 4.59 -3.20 8.56
N PRO A 54 4.00 -3.95 7.63
CA PRO A 54 2.65 -4.45 7.82
C PRO A 54 2.51 -5.36 9.04
N PHE A 55 3.61 -6.00 9.44
CA PHE A 55 3.61 -6.89 10.61
C PHE A 55 4.00 -6.21 11.96
N ALA A 56 4.18 -4.89 11.99
CA ALA A 56 4.49 -4.20 13.25
C ALA A 56 3.32 -4.34 14.23
N THR A 57 3.64 -4.58 15.48
CA THR A 57 2.69 -4.76 16.57
C THR A 57 2.58 -3.48 17.42
N PRO A 58 1.55 -3.38 18.29
CA PRO A 58 1.58 -2.28 19.24
C PRO A 58 2.90 -2.20 20.05
N ASP A 59 3.47 -3.32 20.44
CA ASP A 59 4.72 -3.31 21.19
C ASP A 59 5.89 -2.73 20.41
N ASP A 60 5.95 -3.02 19.12
CA ASP A 60 6.93 -2.41 18.22
C ASP A 60 6.80 -0.89 18.19
N ILE A 61 5.56 -0.39 18.13
CA ILE A 61 5.34 1.06 18.09
C ILE A 61 5.76 1.72 19.40
N LYS A 62 5.47 1.04 20.52
CA LYS A 62 5.90 1.54 21.81
C LYS A 62 7.40 1.61 21.83
N LYS A 63 8.07 0.61 21.27
CA LYS A 63 9.54 0.67 21.25
C LYS A 63 10.06 1.80 20.36
N LEU A 64 9.42 1.99 19.22
CA LEU A 64 9.78 3.07 18.30
C LEU A 64 9.65 4.43 18.97
N CYS A 65 8.54 4.65 19.68
CA CYS A 65 8.35 5.95 20.37
C CYS A 65 9.38 6.15 21.48
N LEU A 66 9.72 5.08 22.18
CA LEU A 66 10.76 5.14 23.24
C LEU A 66 12.11 5.51 22.63
N GLU A 67 12.49 4.84 21.55
CA GLU A 67 13.73 5.16 20.81
C GLU A 67 13.75 6.63 20.35
N ALA A 68 12.61 7.15 19.88
CA ALA A 68 12.54 8.59 19.48
C ALA A 68 12.76 9.55 20.65
N ARG A 69 12.24 9.21 21.81
CA ARG A 69 12.46 9.99 23.02
C ARG A 69 13.92 9.95 23.43
N GLU A 70 14.47 8.75 23.52
CA GLU A 70 15.84 8.54 23.96
C GLU A 70 16.85 9.25 23.06
N ASN A 71 16.62 9.23 21.75
CA ASN A 71 17.56 9.82 20.82
C ASN A 71 17.24 11.25 20.41
N ARG A 72 16.14 11.81 20.91
CA ARG A 72 15.69 13.15 20.50
C ARG A 72 15.50 13.30 19.00
N PHE A 73 14.84 12.31 18.37
CA PHE A 73 14.49 12.44 16.95
C PHE A 73 13.36 13.47 16.77
N HIS A 74 13.26 14.05 15.58
CA HIS A 74 12.21 15.02 15.25
C HIS A 74 10.78 14.45 15.44
N GLY A 75 10.60 13.22 14.99
CA GLY A 75 9.28 12.58 14.99
C GLY A 75 9.34 11.08 14.81
N VAL A 76 8.18 10.43 14.90
CA VAL A 76 8.04 9.05 14.47
C VAL A 76 7.08 9.02 13.28
N CYS A 77 7.21 7.97 12.50
CA CYS A 77 6.33 7.76 11.37
C CYS A 77 5.82 6.34 11.41
N VAL A 78 4.48 6.23 11.45
CA VAL A 78 3.75 4.99 11.67
C VAL A 78 2.57 4.93 10.73
N ASN A 79 2.08 3.72 10.49
CA ASN A 79 0.84 3.60 9.73
C ASN A 79 -0.36 4.15 10.43
N PRO A 80 -1.42 4.48 9.65
CA PRO A 80 -2.53 5.20 10.25
C PRO A 80 -3.18 4.48 11.41
N CYS A 81 -3.21 3.15 11.40
CA CYS A 81 -3.88 2.46 12.48
C CYS A 81 -3.18 2.72 13.82
N TYR A 82 -1.92 3.13 13.80
CA TYR A 82 -1.18 3.34 15.03
C TYR A 82 -0.97 4.79 15.47
N VAL A 83 -1.63 5.73 14.81
CA VAL A 83 -1.49 7.13 15.17
C VAL A 83 -1.95 7.43 16.61
N LYS A 84 -3.10 6.90 17.01
CA LYS A 84 -3.62 7.12 18.37
C LYS A 84 -2.63 6.61 19.40
N LEU A 85 -2.16 5.41 19.20
CA LEU A 85 -1.16 4.80 20.10
C LEU A 85 0.11 5.65 20.20
N ALA A 86 0.67 6.08 19.06
CA ALA A 86 1.88 6.91 19.04
C ALA A 86 1.67 8.23 19.78
N ARG A 87 0.52 8.87 19.55
N ARG A 87 0.54 8.90 19.56
CA ARG A 87 0.15 10.10 20.22
CA ARG A 87 0.24 10.13 20.25
C ARG A 87 0.12 9.93 21.74
C ARG A 87 0.17 9.91 21.76
N GLU A 88 -0.46 8.81 22.20
CA GLU A 88 -0.54 8.53 23.66
C GLU A 88 0.86 8.28 24.24
N GLU A 89 1.70 7.55 23.49
CA GLU A 89 3.04 7.21 23.96
C GLU A 89 3.95 8.43 24.05
N LEU A 90 3.71 9.43 23.21
CA LEU A 90 4.55 10.62 23.10
C LEU A 90 3.91 11.86 23.79
N GLU A 91 2.76 11.67 24.40
CA GLU A 91 2.00 12.76 25.03
C GLU A 91 2.92 13.50 26.03
N GLY A 92 2.97 14.82 25.93
CA GLY A 92 3.86 15.61 26.78
C GLY A 92 5.25 15.94 26.23
N THR A 93 5.61 15.37 25.07
CA THR A 93 6.91 15.59 24.47
C THR A 93 6.68 16.39 23.19
N ASP A 94 7.76 16.83 22.56
N ASP A 94 7.76 16.88 22.58
CA ASP A 94 7.69 17.58 21.30
CA ASP A 94 7.68 17.59 21.30
C ASP A 94 7.93 16.69 20.07
C ASP A 94 8.01 16.70 20.10
N VAL A 95 8.00 15.38 20.29
CA VAL A 95 8.27 14.47 19.19
C VAL A 95 7.00 14.46 18.33
N LYS A 96 7.11 14.72 17.03
CA LYS A 96 5.95 14.74 16.15
C LYS A 96 5.47 13.34 15.79
N VAL A 97 4.18 13.23 15.51
CA VAL A 97 3.65 11.97 14.96
C VAL A 97 3.32 12.21 13.48
N VAL A 98 3.97 11.45 12.62
CA VAL A 98 3.77 11.54 11.16
C VAL A 98 3.13 10.23 10.73
N THR A 99 2.17 10.29 9.83
CA THR A 99 1.63 9.06 9.24
C THR A 99 1.60 9.23 7.71
N VAL A 100 1.13 8.18 7.02
CA VAL A 100 1.22 8.07 5.58
C VAL A 100 -0.18 7.89 5.04
N VAL A 101 -0.43 8.48 3.86
CA VAL A 101 -1.76 8.56 3.27
C VAL A 101 -1.66 8.10 1.85
N GLY A 102 -2.53 7.17 1.48
CA GLY A 102 -2.57 6.61 0.12
C GLY A 102 -1.31 5.84 -0.15
N PHE A 103 -0.81 5.17 0.87
CA PHE A 103 0.58 4.69 0.89
C PHE A 103 0.62 3.17 0.87
N PRO A 104 1.57 2.59 0.13
CA PRO A 104 2.65 3.16 -0.68
C PRO A 104 2.39 3.32 -2.17
N LEU A 105 1.21 2.93 -2.65
CA LEU A 105 0.98 2.94 -4.09
C LEU A 105 0.41 4.22 -4.69
N GLY A 106 -0.25 5.05 -3.89
CA GLY A 106 -0.75 6.35 -4.37
C GLY A 106 -1.91 6.27 -5.34
N ALA A 107 -2.55 5.11 -5.39
CA ALA A 107 -3.53 4.83 -6.45
C ALA A 107 -4.94 4.69 -5.94
N ASN A 108 -5.18 5.22 -4.73
CA ASN A 108 -6.52 5.37 -4.17
C ASN A 108 -7.29 6.51 -4.85
N GLU A 109 -8.62 6.50 -4.71
CA GLU A 109 -9.44 7.58 -5.15
C GLU A 109 -9.03 8.78 -4.31
N THR A 110 -9.06 9.93 -4.94
CA THR A 110 -8.67 11.14 -4.26
C THR A 110 -9.48 11.33 -2.96
N ARG A 111 -10.78 11.07 -3.00
CA ARG A 111 -11.59 11.25 -1.82
C ARG A 111 -11.19 10.31 -0.64
N THR A 112 -10.69 9.12 -0.94
CA THR A 112 -10.17 8.26 0.10
C THR A 112 -8.94 8.85 0.76
N LYS A 113 -8.02 9.40 -0.04
CA LYS A 113 -6.80 10.06 0.49
C LYS A 113 -7.18 11.22 1.43
N ALA A 114 -8.19 11.96 1.00
CA ALA A 114 -8.60 13.14 1.73
C ALA A 114 -9.23 12.68 3.08
N HIS A 115 -10.15 11.72 3.03
CA HIS A 115 -10.67 11.13 4.26
C HIS A 115 -9.62 10.53 5.12
N GLU A 116 -8.69 9.75 4.58
CA GLU A 116 -7.63 9.18 5.43
C GLU A 116 -6.84 10.26 6.18
N ALA A 117 -6.51 11.35 5.48
CA ALA A 117 -5.79 12.47 6.06
C ALA A 117 -6.59 13.12 7.20
N ILE A 118 -7.87 13.38 6.96
CA ILE A 118 -8.72 13.95 7.97
C ILE A 118 -8.77 13.03 9.21
N PHE A 119 -9.05 11.74 8.99
CA PHE A 119 -9.03 10.75 10.06
C PHE A 119 -7.68 10.72 10.85
N ALA A 120 -6.56 10.85 10.15
CA ALA A 120 -5.25 10.80 10.78
C ALA A 120 -5.06 11.99 11.70
N VAL A 121 -5.43 13.19 11.23
CA VAL A 121 -5.29 14.40 12.04
C VAL A 121 -6.22 14.31 13.25
N GLU A 122 -7.44 13.83 13.06
CA GLU A 122 -8.36 13.66 14.16
C GLU A 122 -7.81 12.67 15.20
N SER A 123 -7.16 11.61 14.76
CA SER A 123 -6.53 10.64 15.65
C SER A 123 -5.22 11.15 16.32
N GLY A 124 -4.68 12.30 15.87
CA GLY A 124 -3.53 12.94 16.49
C GLY A 124 -2.28 13.14 15.63
N ALA A 125 -2.33 12.88 14.33
CA ALA A 125 -1.17 13.13 13.49
C ALA A 125 -0.86 14.64 13.44
N ASP A 126 0.43 14.97 13.51
CA ASP A 126 0.95 16.32 13.28
C ASP A 126 1.23 16.59 11.76
N GLU A 127 1.67 15.56 11.05
CA GLU A 127 2.03 15.70 9.63
C GLU A 127 1.61 14.45 8.86
N ILE A 128 1.37 14.64 7.55
CA ILE A 128 0.90 13.59 6.62
C ILE A 128 1.90 13.45 5.50
N ASP A 129 2.40 12.22 5.21
CA ASP A 129 3.18 11.98 4.01
C ASP A 129 2.31 11.19 3.04
N VAL A 131 1.23 9.76 -0.99
CA VAL A 131 1.86 9.36 -2.22
C VAL A 131 1.10 9.94 -3.42
N ILE A 132 1.88 10.46 -4.37
CA ILE A 132 1.35 10.98 -5.63
C ILE A 132 0.76 9.84 -6.46
N ASN A 133 -0.18 10.16 -7.35
CA ASN A 133 -0.63 9.16 -8.31
C ASN A 133 0.36 9.10 -9.47
N VAL A 134 1.31 8.17 -9.38
CA VAL A 134 2.41 8.07 -10.33
C VAL A 134 1.95 7.76 -11.77
N GLY A 135 1.02 6.79 -11.91
CA GLY A 135 0.41 6.47 -13.19
C GLY A 135 -0.18 7.70 -13.87
N LEU A 137 0.55 10.87 -13.26
CA LEU A 137 1.66 11.76 -13.58
C LEU A 137 2.34 11.29 -14.88
N LYS A 138 2.58 9.99 -14.99
CA LYS A 138 3.22 9.46 -16.18
C LYS A 138 2.35 9.66 -17.43
N ALA A 139 1.02 9.67 -17.29
CA ALA A 139 0.11 9.95 -18.39
C ALA A 139 -0.07 11.45 -18.66
N LYS A 140 0.65 12.28 -17.93
CA LYS A 140 0.60 13.75 -18.08
C LYS A 140 -0.75 14.33 -17.79
N GLU A 141 -1.46 13.74 -16.83
CA GLU A 141 -2.79 14.20 -16.45
C GLU A 141 -2.59 15.17 -15.30
N TRP A 142 -2.08 16.35 -15.63
CA TRP A 142 -1.53 17.21 -14.59
C TRP A 142 -2.62 17.69 -13.65
N GLU A 143 -3.76 18.06 -14.22
CA GLU A 143 -4.91 18.53 -13.43
C GLU A 143 -5.41 17.47 -12.45
N TYR A 144 -5.45 16.21 -12.89
CA TYR A 144 -5.79 15.12 -11.94
C TYR A 144 -4.78 15.07 -10.75
N VAL A 145 -3.49 15.09 -11.05
CA VAL A 145 -2.46 14.98 -10.02
C VAL A 145 -2.53 16.18 -9.06
N TYR A 146 -2.73 17.34 -9.65
CA TYR A 146 -2.94 18.55 -8.92
C TYR A 146 -4.08 18.44 -7.94
N GLU A 147 -5.26 18.08 -8.43
N GLU A 147 -5.27 18.09 -8.43
CA GLU A 147 -6.44 18.01 -7.57
CA GLU A 147 -6.44 18.04 -7.56
C GLU A 147 -6.28 16.95 -6.50
C GLU A 147 -6.36 16.91 -6.52
N ASP A 148 -5.61 15.86 -6.83
CA ASP A 148 -5.38 14.75 -5.89
C ASP A 148 -4.57 15.26 -4.67
N ILE A 149 -3.47 15.97 -4.94
CA ILE A 149 -2.67 16.57 -3.86
C ILE A 149 -3.47 17.66 -3.15
N ARG A 150 -4.07 18.54 -3.93
CA ARG A 150 -4.77 19.70 -3.38
C ARG A 150 -5.90 19.33 -2.38
N SER A 151 -6.67 18.31 -2.75
N SER A 151 -6.66 18.32 -2.76
CA SER A 151 -7.71 17.80 -1.88
CA SER A 151 -7.71 17.77 -1.90
C SER A 151 -7.18 17.39 -0.51
C SER A 151 -7.19 17.35 -0.52
N VAL A 152 -6.01 16.76 -0.49
CA VAL A 152 -5.41 16.34 0.80
C VAL A 152 -4.96 17.58 1.57
N VAL A 153 -4.18 18.48 0.92
CA VAL A 153 -3.70 19.72 1.55
C VAL A 153 -4.83 20.53 2.19
N GLU A 154 -5.89 20.77 1.44
CA GLU A 154 -7.03 21.58 1.90
C GLU A 154 -7.78 20.89 3.03
N SER A 155 -7.77 19.57 3.05
CA SER A 155 -8.49 18.79 4.05
C SER A 155 -7.89 18.88 5.44
N VAL A 156 -6.58 19.08 5.51
CA VAL A 156 -5.87 19.18 6.77
C VAL A 156 -5.13 20.50 6.80
N LYS A 157 -5.76 21.56 6.31
CA LYS A 157 -5.07 22.86 6.25
C LYS A 157 -4.61 23.35 7.63
N GLY A 158 -3.39 23.85 7.68
CA GLY A 158 -2.78 24.12 8.96
C GLY A 158 -1.80 23.04 9.36
N LYS A 159 -1.89 21.85 8.78
CA LYS A 159 -0.96 20.74 9.07
C LYS A 159 -0.01 20.53 7.89
N VAL A 160 1.16 19.96 8.17
CA VAL A 160 2.20 19.72 7.16
C VAL A 160 1.83 18.49 6.33
N VAL A 161 1.85 18.66 5.00
CA VAL A 161 1.67 17.62 4.02
C VAL A 161 2.96 17.52 3.17
N LYS A 162 3.47 16.30 3.09
CA LYS A 162 4.63 15.98 2.28
C LYS A 162 4.10 15.09 1.14
N VAL A 163 4.55 15.36 -0.07
CA VAL A 163 4.21 14.55 -1.26
C VAL A 163 5.34 13.64 -1.64
N ILE A 164 5.11 12.33 -1.54
CA ILE A 164 6.07 11.34 -2.01
C ILE A 164 5.88 11.19 -3.53
N ILE A 165 6.95 11.49 -4.29
CA ILE A 165 6.88 11.46 -5.76
C ILE A 165 7.34 10.16 -6.32
N GLU A 166 7.98 9.34 -5.48
CA GLU A 166 8.46 8.02 -5.91
C GLU A 166 9.43 8.10 -7.10
N THR A 167 10.58 8.67 -6.80
CA THR A 167 11.57 9.00 -7.80
C THR A 167 12.00 7.82 -8.64
N CYS A 168 11.98 6.64 -8.06
CA CYS A 168 12.40 5.42 -8.76
C CYS A 168 11.61 5.09 -10.05
N TYR A 169 10.39 5.61 -10.20
CA TYR A 169 9.57 5.31 -11.38
C TYR A 169 9.53 6.45 -12.41
N LEU A 170 10.28 7.53 -12.15
CA LEU A 170 10.15 8.77 -12.93
C LEU A 170 11.40 9.11 -13.69
N ASP A 171 11.23 9.73 -14.87
CA ASP A 171 12.36 10.36 -15.56
C ASP A 171 12.59 11.80 -15.04
N THR A 172 13.64 12.46 -15.52
CA THR A 172 14.04 13.76 -14.96
C THR A 172 12.90 14.79 -15.05
N GLU A 173 12.28 14.85 -16.22
CA GLU A 173 11.17 15.78 -16.47
C GLU A 173 9.94 15.49 -15.62
N GLU A 174 9.67 14.21 -15.39
CA GLU A 174 8.58 13.84 -14.48
C GLU A 174 8.89 14.20 -13.03
N LYS A 175 10.14 14.01 -12.57
CA LYS A 175 10.50 14.48 -11.24
C LYS A 175 10.22 15.98 -11.12
N ILE A 176 10.63 16.74 -12.13
CA ILE A 176 10.44 18.19 -12.12
C ILE A 176 8.94 18.49 -12.09
N ALA A 177 8.15 17.84 -12.95
CA ALA A 177 6.70 18.05 -12.96
C ALA A 177 6.07 17.77 -11.56
N ALA A 178 6.50 16.69 -10.91
CA ALA A 178 5.93 16.32 -9.60
C ALA A 178 6.19 17.40 -8.56
N CYS A 179 7.37 17.97 -8.59
CA CYS A 179 7.73 19.01 -7.66
C CYS A 179 6.94 20.27 -7.90
N VAL A 180 6.86 20.68 -9.16
CA VAL A 180 6.12 21.87 -9.52
C VAL A 180 4.64 21.73 -9.14
N ILE A 181 4.02 20.58 -9.44
CA ILE A 181 2.60 20.39 -9.12
C ILE A 181 2.40 20.39 -7.58
N SER A 182 3.26 19.69 -6.84
CA SER A 182 3.16 19.63 -5.37
C SER A 182 3.24 21.05 -4.77
N LYS A 183 4.19 21.85 -5.26
CA LYS A 183 4.29 23.25 -4.82
C LYS A 183 3.06 24.08 -5.14
N LEU A 184 2.58 23.99 -6.39
CA LEU A 184 1.37 24.74 -6.79
C LEU A 184 0.15 24.35 -5.90
N ALA A 185 0.08 23.09 -5.49
CA ALA A 185 -1.08 22.60 -4.74
C ALA A 185 -1.02 23.00 -3.23
N GLY A 186 0.09 23.60 -2.80
CA GLY A 186 0.23 24.08 -1.43
C GLY A 186 0.79 23.09 -0.44
N ALA A 187 1.39 22.00 -0.93
CA ALA A 187 2.13 21.11 -0.05
C ALA A 187 3.39 21.78 0.52
N HIS A 188 3.85 21.24 1.63
CA HIS A 188 4.98 21.84 2.40
C HIS A 188 6.35 21.17 2.12
N PHE A 189 6.30 19.91 1.70
CA PHE A 189 7.48 19.11 1.43
C PHE A 189 7.21 18.30 0.19
N VAL A 190 8.29 17.96 -0.50
CA VAL A 190 8.28 16.82 -1.39
C VAL A 190 9.24 15.76 -0.81
N LYS A 191 9.06 14.51 -1.18
CA LYS A 191 9.76 13.41 -0.49
C LYS A 191 10.10 12.38 -1.53
N THR A 192 11.28 11.77 -1.44
CA THR A 192 11.77 10.95 -2.54
C THR A 192 11.01 9.65 -2.77
N SER A 193 10.79 8.88 -1.71
CA SER A 193 10.50 7.47 -1.89
C SER A 193 9.63 6.80 -0.81
N THR A 194 8.93 5.73 -1.18
CA THR A 194 8.10 5.02 -0.18
C THR A 194 8.90 3.95 0.55
N GLY A 195 10.01 3.53 -0.04
CA GLY A 195 10.75 2.39 0.47
C GLY A 195 10.15 1.07 0.01
N PHE A 196 9.09 1.11 -0.78
CA PHE A 196 8.43 -0.06 -1.26
C PHE A 196 8.51 -0.13 -2.76
N GLY A 197 9.30 0.75 -3.37
CA GLY A 197 9.52 0.71 -4.82
C GLY A 197 10.81 0.03 -5.20
N THR A 198 11.26 0.27 -6.42
CA THR A 198 12.53 -0.30 -6.89
C THR A 198 13.79 0.49 -6.55
N GLY A 199 13.68 1.61 -5.85
CA GLY A 199 14.86 2.38 -5.48
C GLY A 199 14.49 3.40 -4.42
N GLY A 200 15.50 4.02 -3.83
CA GLY A 200 15.34 4.96 -2.72
C GLY A 200 16.00 6.31 -3.00
N ALA A 201 16.32 7.03 -1.93
CA ALA A 201 16.91 8.38 -2.02
C ALA A 201 18.24 8.36 -2.75
N THR A 202 18.47 9.29 -3.66
CA THR A 202 19.84 9.55 -4.16
C THR A 202 20.13 11.02 -3.92
N ALA A 203 21.40 11.36 -3.83
CA ALA A 203 21.79 12.75 -3.64
C ALA A 203 21.39 13.55 -4.89
N GLU A 204 21.49 12.91 -6.06
CA GLU A 204 21.11 13.58 -7.28
C GLU A 204 19.62 13.98 -7.29
N ASP A 205 18.76 13.08 -6.82
CA ASP A 205 17.31 13.37 -6.81
C ASP A 205 17.00 14.46 -5.79
N VAL A 206 17.58 14.32 -4.60
CA VAL A 206 17.35 15.26 -3.50
C VAL A 206 17.73 16.66 -3.89
N HIS A 207 18.89 16.80 -4.51
CA HIS A 207 19.36 18.13 -4.89
C HIS A 207 18.50 18.74 -5.99
N LEU A 208 18.16 17.94 -7.01
CA LEU A 208 17.26 18.42 -8.05
C LEU A 208 15.95 18.93 -7.43
N LYS A 210 15.35 20.00 -4.36
CA LYS A 210 15.51 21.22 -3.56
C LYS A 210 15.72 22.39 -4.48
N TRP A 211 16.48 22.14 -5.55
CA TRP A 211 16.73 23.18 -6.55
C TRP A 211 15.45 23.68 -7.20
N ILE A 212 14.56 22.78 -7.55
CA ILE A 212 13.31 23.16 -8.19
C ILE A 212 12.41 23.87 -7.17
N VAL A 213 12.30 23.36 -5.96
CA VAL A 213 11.25 23.86 -5.05
C VAL A 213 11.68 25.07 -4.25
N GLY A 214 12.98 25.27 -4.05
CA GLY A 214 13.53 26.44 -3.33
C GLY A 214 13.65 26.22 -1.83
N ASP A 215 14.09 27.27 -1.16
CA ASP A 215 14.39 27.26 0.27
C ASP A 215 13.13 27.16 1.12
N GLU A 216 12.01 27.63 0.61
CA GLU A 216 10.80 27.72 1.44
C GLU A 216 9.99 26.42 1.49
N GLY A 218 10.22 22.13 1.88
CA GLY A 218 11.09 21.07 2.38
C GLY A 218 11.26 19.92 1.39
N VAL A 219 12.41 19.23 1.52
CA VAL A 219 12.66 18.00 0.85
C VAL A 219 12.95 16.95 1.92
N LYS A 220 12.28 15.80 1.84
CA LYS A 220 12.56 14.69 2.76
C LYS A 220 13.16 13.55 1.98
N ALA A 221 14.35 13.11 2.40
CA ALA A 221 15.05 12.01 1.74
C ALA A 221 14.64 10.73 2.45
N SER A 222 14.25 9.69 1.70
CA SER A 222 13.81 8.43 2.32
C SER A 222 14.13 7.26 1.40
N GLY A 223 14.18 6.07 2.00
CA GLY A 223 14.42 4.82 1.25
C GLY A 223 15.90 4.59 1.18
N GLY A 224 16.38 3.55 1.87
CA GLY A 224 17.77 3.12 1.81
C GLY A 224 18.77 3.92 2.61
N ILE A 225 18.28 4.78 3.49
CA ILE A 225 19.20 5.56 4.32
C ILE A 225 19.51 4.75 5.55
N ARG A 226 20.69 4.12 5.54
CA ARG A 226 21.05 3.17 6.58
C ARG A 226 22.12 3.60 7.58
N THR A 227 22.99 4.54 7.20
CA THR A 227 24.18 4.85 7.99
C THR A 227 24.25 6.35 8.21
N PHE A 228 25.09 6.74 9.14
CA PHE A 228 25.36 8.15 9.39
C PHE A 228 25.85 8.89 8.12
N GLU A 229 26.75 8.25 7.38
CA GLU A 229 27.29 8.80 6.14
C GLU A 229 26.18 9.04 5.12
N ASP A 230 25.22 8.12 5.01
CA ASP A 230 24.07 8.28 4.12
C ASP A 230 23.26 9.51 4.49
N ALA A 231 22.99 9.67 5.81
CA ALA A 231 22.18 10.78 6.32
C ALA A 231 22.84 12.13 6.10
N VAL A 232 24.15 12.18 6.37
CA VAL A 232 24.95 13.40 6.16
C VAL A 232 24.96 13.78 4.68
N LYS A 233 25.16 12.81 3.80
CA LYS A 233 25.15 13.10 2.39
C LYS A 233 23.81 13.73 1.93
N ILE A 235 21.59 15.36 3.67
CA ILE A 235 21.46 16.73 4.22
C ILE A 235 22.37 17.74 3.50
N TYR A 237 23.16 17.67 0.44
CA TYR A 237 22.63 17.96 -0.87
C TYR A 237 21.19 18.50 -0.86
N GLY A 238 20.69 18.83 0.33
CA GLY A 238 19.50 19.67 0.45
C GLY A 238 18.32 19.12 1.21
N ALA A 239 18.44 17.90 1.73
CA ALA A 239 17.39 17.31 2.54
C ALA A 239 17.20 18.07 3.87
N ASP A 240 15.94 18.34 4.18
CA ASP A 240 15.53 18.97 5.43
C ASP A 240 15.10 17.93 6.46
N ARG A 241 14.68 16.75 5.99
CA ARG A 241 14.27 15.65 6.88
C ARG A 241 14.74 14.35 6.25
N ILE A 242 14.93 13.34 7.09
N ILE A 242 14.80 13.30 7.06
CA ILE A 242 15.29 12.00 6.68
CA ILE A 242 15.27 12.00 6.63
C ILE A 242 14.17 11.05 7.11
C ILE A 242 14.34 10.93 7.14
N GLY A 243 13.79 10.14 6.22
CA GLY A 243 12.85 9.09 6.56
C GLY A 243 13.65 7.83 6.61
N THR A 244 13.69 7.18 7.78
CA THR A 244 14.43 5.95 7.92
C THR A 244 13.93 5.12 9.10
N SER A 245 14.16 3.82 9.04
N SER A 245 14.17 3.80 9.04
CA SER A 245 13.96 2.94 10.20
CA SER A 245 13.98 2.92 10.20
C SER A 245 15.28 2.63 10.91
C SER A 245 15.29 2.67 10.95
N SER A 246 16.40 3.22 10.45
CA SER A 246 17.75 2.88 10.95
C SER A 246 18.32 3.93 11.89
N GLY A 247 17.48 4.80 12.39
CA GLY A 247 17.97 5.93 13.18
C GLY A 247 18.85 5.57 14.36
N VAL A 248 18.57 4.45 15.03
CA VAL A 248 19.43 4.03 16.12
C VAL A 248 20.87 3.76 15.68
N LYS A 249 21.04 3.00 14.59
N LYS A 249 21.07 3.00 14.60
CA LYS A 249 22.36 2.71 14.04
CA LYS A 249 22.43 2.73 14.09
C LYS A 249 23.02 3.97 13.43
C LYS A 249 23.04 3.98 13.43
N ILE A 250 22.19 4.84 12.88
CA ILE A 250 22.70 6.11 12.30
C ILE A 250 23.37 6.91 13.40
N VAL A 251 22.69 7.07 14.53
CA VAL A 251 23.26 7.76 15.67
C VAL A 251 24.49 7.04 16.21
N GLN A 252 24.45 5.73 16.29
CA GLN A 252 25.60 4.98 16.83
C GLN A 252 26.83 5.11 15.90
N GLY A 253 26.62 5.03 14.58
CA GLY A 253 27.71 5.25 13.62
C GLY A 253 28.32 6.64 13.70
N GLY A 254 27.46 7.66 13.85
CA GLY A 254 27.88 9.04 13.98
C GLY A 254 28.75 9.20 15.22
N GLU A 255 28.34 8.59 16.32
CA GLU A 255 29.08 8.72 17.59
C GLU A 255 30.41 7.95 17.51
N GLU A 256 30.39 6.74 16.95
CA GLU A 256 31.59 5.90 16.76
C GLU A 256 32.64 6.48 15.79
N ARG A 257 32.21 6.91 14.60
CA ARG A 257 33.17 7.28 13.56
C ARG A 257 33.46 8.78 13.52
N TYR A 258 32.54 9.60 14.04
CA TYR A 258 32.68 11.06 13.94
C TYR A 258 32.48 11.78 15.29
N GLY A 259 32.23 11.06 16.37
CA GLY A 259 31.77 11.68 17.62
C GLY A 259 32.81 12.58 18.26
N SER B 3 -19.89 -1.84 24.20
CA SER B 3 -19.19 -1.89 25.52
C SER B 3 -17.96 -2.80 25.47
N ASP B 4 -17.16 -2.69 26.52
CA ASP B 4 -15.89 -3.39 26.62
C ASP B 4 -16.08 -4.84 27.03
N LYS B 5 -17.07 -5.10 27.90
CA LYS B 5 -17.43 -6.48 28.29
C LYS B 5 -17.80 -7.35 27.09
N ILE B 6 -18.62 -6.81 26.19
CA ILE B 6 -19.09 -7.52 25.00
C ILE B 6 -17.94 -7.84 24.02
N HIS B 7 -17.12 -6.84 23.74
CA HIS B 7 -15.89 -7.02 22.97
C HIS B 7 -14.92 -8.04 23.59
N HIS B 8 -14.79 -7.97 24.91
CA HIS B 8 -13.95 -8.93 25.66
C HIS B 8 -14.49 -10.36 25.51
N HIS B 9 -15.78 -10.52 25.75
CA HIS B 9 -16.39 -11.82 25.61
C HIS B 9 -16.24 -12.33 24.15
N HIS B 10 -16.42 -11.45 23.18
CA HIS B 10 -16.30 -11.87 21.78
C HIS B 10 -14.86 -12.25 21.42
N HIS B 11 -13.90 -11.48 21.89
CA HIS B 11 -12.50 -11.81 21.73
C HIS B 11 -12.25 -13.25 22.20
N HIS B 12 -12.75 -13.60 23.38
N HIS B 12 -12.82 -13.62 23.34
CA HIS B 12 -12.56 -14.93 23.96
CA HIS B 12 -12.70 -14.98 23.88
C HIS B 12 -13.19 -16.05 23.12
C HIS B 12 -13.50 -16.04 23.10
N ILE B 14 -13.74 -15.96 19.85
CA ILE B 14 -12.88 -16.13 18.66
C ILE B 14 -11.69 -17.04 19.00
N GLU B 15 -11.06 -16.78 20.16
CA GLU B 15 -9.90 -17.56 20.59
C GLU B 15 -10.29 -19.04 20.63
N TYR B 16 -11.46 -19.33 21.20
CA TYR B 16 -11.95 -20.71 21.26
C TYR B 16 -12.19 -21.31 19.85
N ARG B 17 -12.74 -20.52 18.94
CA ARG B 17 -12.93 -21.03 17.56
C ARG B 17 -11.59 -21.33 16.88
N ILE B 18 -10.59 -20.50 17.14
CA ILE B 18 -9.25 -20.71 16.54
C ILE B 18 -8.67 -22.01 17.09
N GLU B 19 -8.80 -22.19 18.41
CA GLU B 19 -8.22 -23.35 19.07
C GLU B 19 -8.91 -24.61 18.56
N GLU B 20 -10.21 -24.52 18.35
CA GLU B 20 -10.93 -25.68 17.79
C GLU B 20 -10.40 -26.05 16.38
N ALA B 21 -10.13 -25.04 15.55
CA ALA B 21 -9.68 -25.26 14.18
C ALA B 21 -8.27 -25.83 14.19
N VAL B 22 -7.43 -25.34 15.10
CA VAL B 22 -6.07 -25.83 15.21
C VAL B 22 -6.05 -27.30 15.66
N ALA B 23 -6.88 -27.62 16.64
CA ALA B 23 -7.10 -29.00 17.10
C ALA B 23 -7.47 -29.95 15.97
N LYS B 24 -8.44 -29.53 15.14
CA LYS B 24 -8.89 -30.32 13.99
C LYS B 24 -7.76 -30.51 13.02
N TYR B 25 -7.06 -29.42 12.72
CA TYR B 25 -5.87 -29.48 11.87
C TYR B 25 -4.82 -30.49 12.41
N ARG B 26 -4.49 -30.42 13.70
N ARG B 26 -4.48 -30.36 13.69
CA ARG B 26 -3.48 -31.32 14.26
CA ARG B 26 -3.53 -31.25 14.36
C ARG B 26 -3.89 -32.77 14.19
C ARG B 26 -3.89 -32.72 14.22
N GLU B 27 -5.17 -33.03 14.42
CA GLU B 27 -5.67 -34.39 14.44
C GLU B 27 -5.93 -34.98 13.06
N PHE B 28 -6.45 -34.19 12.11
CA PHE B 28 -7.02 -34.73 10.84
C PHE B 28 -6.40 -34.24 9.53
N TYR B 29 -5.57 -33.18 9.55
CA TYR B 29 -5.13 -32.58 8.30
C TYR B 29 -4.23 -33.51 7.49
N GLU B 30 -4.47 -33.53 6.18
CA GLU B 30 -3.62 -34.21 5.22
C GLU B 30 -3.54 -33.39 3.94
N PHE B 31 -2.32 -33.09 3.49
CA PHE B 31 -2.08 -32.37 2.24
C PHE B 31 -2.22 -33.27 1.04
N LYS B 32 -3.15 -32.94 0.15
CA LYS B 32 -3.32 -33.70 -1.10
C LYS B 32 -4.23 -32.90 -2.02
N PRO B 33 -4.30 -33.29 -3.31
CA PRO B 33 -5.17 -32.54 -4.22
C PRO B 33 -6.65 -32.70 -3.95
N VAL B 34 -7.42 -31.66 -4.28
CA VAL B 34 -8.87 -31.60 -4.21
CA VAL B 34 -8.86 -31.80 -4.18
C VAL B 34 -9.53 -31.97 -5.54
N ARG B 35 -8.79 -31.85 -6.63
N ARG B 35 -8.78 -31.79 -6.62
CA ARG B 35 -9.34 -32.03 -7.98
CA ARG B 35 -9.21 -32.23 -7.97
C ARG B 35 -8.27 -32.73 -8.84
C ARG B 35 -8.03 -32.93 -8.65
N GLU B 36 -8.70 -33.62 -9.72
N GLU B 36 -8.31 -33.81 -9.61
CA GLU B 36 -7.76 -34.50 -10.43
CA GLU B 36 -7.21 -34.46 -10.32
C GLU B 36 -6.99 -33.84 -11.58
C GLU B 36 -6.68 -33.60 -11.46
N SER B 37 -7.47 -32.66 -12.00
CA SER B 37 -6.93 -31.85 -13.10
C SER B 37 -7.75 -30.57 -13.26
N ALA B 38 -7.28 -29.71 -14.17
CA ALA B 38 -8.01 -28.53 -14.58
C ALA B 38 -7.64 -28.20 -16.04
N GLY B 39 -8.61 -27.80 -16.84
CA GLY B 39 -8.40 -27.46 -18.25
C GLY B 39 -8.26 -25.97 -18.49
N ILE B 40 -8.09 -25.58 -19.75
CA ILE B 40 -7.95 -24.16 -20.12
CA ILE B 40 -7.91 -24.17 -20.09
C ILE B 40 -9.18 -23.35 -19.73
N GLU B 41 -10.38 -23.93 -19.88
CA GLU B 41 -11.62 -23.20 -19.55
C GLU B 41 -11.75 -22.96 -18.07
N ASP B 42 -11.32 -23.94 -17.26
CA ASP B 42 -11.25 -23.77 -15.80
C ASP B 42 -10.30 -22.63 -15.41
N VAL B 43 -9.11 -22.60 -16.02
CA VAL B 43 -8.13 -21.56 -15.71
C VAL B 43 -8.68 -20.19 -16.10
N LYS B 44 -9.27 -20.09 -17.30
CA LYS B 44 -9.81 -18.79 -17.72
C LYS B 44 -10.89 -18.28 -16.77
N SER B 45 -11.75 -19.19 -16.31
N SER B 45 -11.77 -19.16 -16.31
CA SER B 45 -12.84 -18.86 -15.42
CA SER B 45 -12.85 -18.72 -15.45
C SER B 45 -12.34 -18.43 -14.06
C SER B 45 -12.37 -18.48 -14.02
N ALA B 46 -11.15 -18.90 -13.68
CA ALA B 46 -10.54 -18.57 -12.37
C ALA B 46 -9.78 -17.24 -12.34
N ILE B 47 -9.31 -16.78 -13.50
CA ILE B 47 -8.37 -15.66 -13.54
C ILE B 47 -9.01 -14.30 -13.30
N GLU B 48 -8.42 -13.59 -12.34
CA GLU B 48 -8.63 -12.17 -12.18
C GLU B 48 -7.35 -11.45 -12.68
N HIS B 49 -7.49 -10.90 -13.89
CA HIS B 49 -6.39 -10.33 -14.68
C HIS B 49 -5.98 -8.97 -14.09
N THR B 50 -4.76 -8.87 -13.57
CA THR B 50 -4.44 -7.80 -12.59
C THR B 50 -3.35 -6.86 -13.06
N ASN B 51 -3.54 -5.57 -12.81
CA ASN B 51 -2.46 -4.57 -12.90
C ASN B 51 -2.64 -3.58 -11.74
N LEU B 52 -1.80 -3.70 -10.71
CA LEU B 52 -1.85 -2.83 -9.53
C LEU B 52 -0.57 -2.01 -9.43
N LYS B 53 0.21 -1.97 -10.50
CA LYS B 53 1.47 -1.21 -10.49
C LYS B 53 1.10 0.26 -10.27
N PRO B 54 1.83 0.98 -9.41
CA PRO B 54 1.55 2.38 -9.15
C PRO B 54 1.77 3.28 -10.35
N PHE B 55 2.62 2.85 -11.26
CA PHE B 55 2.85 3.54 -12.55
C PHE B 55 1.94 3.14 -13.72
N ALA B 56 0.91 2.33 -13.45
CA ALA B 56 -0.05 1.97 -14.46
C ALA B 56 -0.77 3.20 -14.96
N THR B 57 -0.89 3.36 -16.27
CA THR B 57 -1.61 4.50 -16.84
C THR B 57 -3.04 4.09 -17.29
N PRO B 58 -3.90 5.08 -17.61
CA PRO B 58 -5.19 4.74 -18.23
C PRO B 58 -5.05 3.82 -19.45
N ASP B 59 -4.07 4.08 -20.32
CA ASP B 59 -3.85 3.21 -21.48
C ASP B 59 -3.55 1.75 -21.06
N ASP B 60 -2.74 1.57 -20.03
CA ASP B 60 -2.43 0.24 -19.49
C ASP B 60 -3.71 -0.45 -19.03
N ILE B 61 -4.59 0.30 -18.37
CA ILE B 61 -5.86 -0.27 -17.91
C ILE B 61 -6.78 -0.65 -19.06
N LYS B 62 -6.89 0.20 -20.09
CA LYS B 62 -7.66 -0.16 -21.30
C LYS B 62 -7.15 -1.44 -21.93
N LYS B 63 -5.84 -1.60 -22.00
CA LYS B 63 -5.25 -2.83 -22.54
C LYS B 63 -5.60 -4.05 -21.69
N LEU B 64 -5.47 -3.89 -20.38
CA LEU B 64 -5.86 -4.94 -19.43
C LEU B 64 -7.31 -5.39 -19.66
N CYS B 65 -8.21 -4.44 -19.85
CA CYS B 65 -9.63 -4.77 -20.05
C CYS B 65 -9.85 -5.47 -21.37
N LEU B 66 -9.18 -5.00 -22.43
CA LEU B 66 -9.20 -5.69 -23.75
C LEU B 66 -8.77 -7.13 -23.64
N GLU B 67 -7.66 -7.37 -22.94
CA GLU B 67 -7.14 -8.73 -22.79
C GLU B 67 -8.13 -9.62 -22.03
N ALA B 68 -8.80 -9.05 -21.06
CA ALA B 68 -9.80 -9.79 -20.29
C ALA B 68 -10.99 -10.20 -21.18
N ARG B 69 -11.45 -9.29 -22.05
CA ARG B 69 -12.52 -9.60 -23.03
C ARG B 69 -12.05 -10.64 -24.05
N GLU B 70 -10.90 -10.41 -24.65
CA GLU B 70 -10.32 -11.37 -25.63
C GLU B 70 -10.19 -12.80 -25.07
N ASN B 71 -9.78 -12.94 -23.82
CA ASN B 71 -9.41 -14.23 -23.28
C ASN B 71 -10.54 -14.80 -22.42
N ARG B 72 -11.62 -14.04 -22.29
CA ARG B 72 -12.74 -14.41 -21.45
C ARG B 72 -12.37 -14.78 -20.02
N PHE B 73 -11.57 -13.92 -19.39
CA PHE B 73 -11.27 -14.05 -17.97
C PHE B 73 -12.47 -13.63 -17.13
N HIS B 74 -12.47 -14.08 -15.88
CA HIS B 74 -13.53 -13.79 -14.92
C HIS B 74 -13.65 -12.33 -14.57
N GLY B 75 -12.51 -11.68 -14.41
CA GLY B 75 -12.47 -10.28 -14.00
C GLY B 75 -11.13 -9.62 -14.28
N VAL B 76 -11.12 -8.33 -14.03
CA VAL B 76 -9.88 -7.56 -13.94
C VAL B 76 -9.72 -7.07 -12.50
N CYS B 77 -8.50 -6.80 -12.08
CA CYS B 77 -8.24 -6.26 -10.76
C CYS B 77 -7.33 -5.06 -10.91
N VAL B 78 -7.80 -3.92 -10.43
CA VAL B 78 -7.19 -2.63 -10.66
C VAL B 78 -7.22 -1.82 -9.34
N ASN B 79 -6.37 -0.81 -9.25
CA ASN B 79 -6.37 0.04 -8.07
C ASN B 79 -7.63 0.91 -8.07
N PRO B 80 -8.02 1.43 -6.89
CA PRO B 80 -9.34 2.05 -6.84
C PRO B 80 -9.51 3.24 -7.79
N CYS B 81 -8.46 4.03 -8.00
CA CYS B 81 -8.57 5.20 -8.89
C CYS B 81 -9.04 4.85 -10.31
N TYR B 82 -8.94 3.57 -10.68
CA TYR B 82 -9.25 3.13 -12.00
C TYR B 82 -10.53 2.27 -12.10
N VAL B 83 -11.29 2.13 -11.02
CA VAL B 83 -12.54 1.33 -11.08
C VAL B 83 -13.55 1.88 -12.09
N LYS B 84 -13.80 3.18 -12.06
N LYS B 84 -13.81 3.19 -12.05
CA LYS B 84 -14.76 3.78 -12.99
CA LYS B 84 -14.75 3.80 -13.02
C LYS B 84 -14.31 3.59 -14.46
C LYS B 84 -14.28 3.50 -14.45
N LEU B 85 -13.03 3.79 -14.72
CA LEU B 85 -12.41 3.50 -16.05
C LEU B 85 -12.63 2.03 -16.48
N ALA B 86 -12.30 1.09 -15.60
CA ALA B 86 -12.48 -0.36 -15.91
C ALA B 86 -13.96 -0.72 -16.16
N ARG B 87 -14.85 -0.17 -15.37
CA ARG B 87 -16.28 -0.38 -15.56
C ARG B 87 -16.73 0.14 -16.96
N GLU B 88 -16.29 1.34 -17.33
CA GLU B 88 -16.64 1.88 -18.64
C GLU B 88 -16.09 0.96 -19.76
N GLU B 89 -14.84 0.54 -19.61
CA GLU B 89 -14.17 -0.28 -20.61
C GLU B 89 -14.83 -1.67 -20.77
N LEU B 90 -15.47 -2.14 -19.71
CA LEU B 90 -16.11 -3.48 -19.73
C LEU B 90 -17.63 -3.48 -19.90
N GLU B 91 -18.23 -2.30 -20.03
CA GLU B 91 -19.68 -2.16 -20.22
C GLU B 91 -20.14 -3.05 -21.36
N GLY B 92 -21.21 -3.81 -21.10
CA GLY B 92 -21.74 -4.75 -22.10
C GLY B 92 -21.17 -6.16 -21.98
N THR B 93 -20.26 -6.39 -21.05
CA THR B 93 -19.71 -7.73 -20.83
C THR B 93 -20.00 -8.07 -19.37
N ASP B 94 -19.89 -9.34 -18.99
CA ASP B 94 -20.00 -9.70 -17.58
C ASP B 94 -18.62 -9.91 -16.94
N VAL B 95 -17.58 -9.26 -17.46
CA VAL B 95 -16.24 -9.34 -16.80
C VAL B 95 -16.29 -8.50 -15.53
N LYS B 96 -15.95 -9.11 -14.39
CA LYS B 96 -16.05 -8.40 -13.12
C LYS B 96 -14.95 -7.33 -12.97
N VAL B 97 -15.27 -6.27 -12.25
CA VAL B 97 -14.26 -5.28 -11.85
C VAL B 97 -13.96 -5.47 -10.35
N VAL B 98 -12.72 -5.78 -10.04
CA VAL B 98 -12.29 -6.06 -8.70
C VAL B 98 -11.33 -4.95 -8.32
N THR B 99 -11.41 -4.43 -7.11
CA THR B 99 -10.35 -3.55 -6.66
C THR B 99 -9.86 -3.97 -5.25
N VAL B 100 -8.94 -3.19 -4.71
CA VAL B 100 -8.23 -3.54 -3.50
C VAL B 100 -8.46 -2.47 -2.48
N VAL B 101 -8.54 -2.87 -1.20
CA VAL B 101 -8.87 -1.98 -0.10
C VAL B 101 -7.83 -2.15 1.02
N GLY B 102 -7.32 -1.01 1.51
CA GLY B 102 -6.28 -1.01 2.54
C GLY B 102 -5.04 -1.73 2.07
N PHE B 103 -4.70 -1.54 0.80
CA PHE B 103 -3.81 -2.43 0.11
C PHE B 103 -2.54 -1.68 -0.26
N PRO B 104 -1.35 -2.32 -0.15
CA PRO B 104 -1.07 -3.71 0.26
C PRO B 104 -0.73 -3.92 1.73
N LEU B 105 -0.68 -2.86 2.55
CA LEU B 105 -0.09 -3.01 3.91
C LEU B 105 -1.13 -3.37 4.98
N GLY B 106 -2.44 -3.20 4.72
CA GLY B 106 -3.50 -3.56 5.70
C GLY B 106 -3.50 -2.75 6.99
N ALA B 107 -2.85 -1.59 6.98
CA ALA B 107 -2.57 -0.85 8.27
C ALA B 107 -3.27 0.51 8.40
N ASN B 108 -4.30 0.72 7.59
CA ASN B 108 -5.14 1.93 7.68
C ASN B 108 -6.10 1.77 8.82
N GLU B 109 -6.66 2.88 9.30
N GLU B 109 -6.66 2.88 9.29
CA GLU B 109 -7.74 2.80 10.27
CA GLU B 109 -7.76 2.80 10.23
C GLU B 109 -8.94 2.10 9.64
C GLU B 109 -8.87 1.98 9.60
N THR B 110 -9.67 1.33 10.46
CA THR B 110 -10.80 0.52 9.95
C THR B 110 -11.79 1.39 9.18
N ARG B 111 -12.07 2.60 9.67
CA ARG B 111 -13.05 3.41 8.98
C ARG B 111 -12.55 3.81 7.60
N THR B 112 -11.24 3.94 7.44
CA THR B 112 -10.68 4.28 6.15
C THR B 112 -10.91 3.10 5.19
N LYS B 113 -10.63 1.88 5.64
CA LYS B 113 -10.95 0.71 4.81
C LYS B 113 -12.43 0.64 4.44
N ALA B 114 -13.30 0.85 5.42
CA ALA B 114 -14.76 0.83 5.16
C ALA B 114 -15.18 1.91 4.16
N HIS B 115 -14.69 3.14 4.31
CA HIS B 115 -14.98 4.17 3.30
C HIS B 115 -14.42 3.87 1.93
N GLU B 116 -13.21 3.38 1.88
CA GLU B 116 -12.61 3.05 0.61
C GLU B 116 -13.46 2.01 -0.11
N ALA B 117 -13.98 1.04 0.66
CA ALA B 117 -14.82 -0.02 0.06
C ALA B 117 -16.14 0.53 -0.49
N ILE B 118 -16.79 1.38 0.31
CA ILE B 118 -18.03 2.05 -0.13
C ILE B 118 -17.81 2.87 -1.41
N PHE B 119 -16.76 3.68 -1.41
CA PHE B 119 -16.43 4.48 -2.58
C PHE B 119 -16.17 3.60 -3.82
N ALA B 120 -15.44 2.51 -3.65
CA ALA B 120 -15.17 1.59 -4.75
C ALA B 120 -16.47 0.98 -5.34
N VAL B 121 -17.39 0.62 -4.46
CA VAL B 121 -18.70 0.09 -4.92
C VAL B 121 -19.53 1.17 -5.59
N GLU B 122 -19.53 2.38 -5.03
CA GLU B 122 -20.18 3.53 -5.70
C GLU B 122 -19.60 3.78 -7.10
N SER B 123 -18.29 3.65 -7.23
CA SER B 123 -17.59 3.82 -8.53
C SER B 123 -17.80 2.71 -9.52
N GLY B 124 -18.36 1.59 -9.05
CA GLY B 124 -18.65 0.46 -9.93
C GLY B 124 -17.97 -0.89 -9.68
N ALA B 125 -17.23 -1.05 -8.57
CA ALA B 125 -16.58 -2.35 -8.27
C ALA B 125 -17.64 -3.42 -7.97
N ASP B 126 -17.37 -4.61 -8.46
CA ASP B 126 -18.17 -5.79 -8.15
C ASP B 126 -17.67 -6.57 -6.94
N GLU B 127 -16.37 -6.54 -6.73
CA GLU B 127 -15.76 -7.25 -5.59
C GLU B 127 -14.60 -6.45 -5.04
N ILE B 128 -14.33 -6.70 -3.76
CA ILE B 128 -13.31 -6.01 -2.96
C ILE B 128 -12.31 -7.04 -2.42
N ASP B 129 -11.03 -6.83 -2.63
CA ASP B 129 -9.98 -7.62 -1.97
C ASP B 129 -9.30 -6.71 -0.93
N VAL B 131 -6.93 -6.11 2.64
CA VAL B 131 -5.82 -6.68 3.37
C VAL B 131 -6.08 -6.70 4.88
N ILE B 132 -5.91 -7.87 5.48
CA ILE B 132 -5.95 -8.01 6.93
C ILE B 132 -4.90 -7.13 7.63
N ASN B 133 -5.18 -6.68 8.86
CA ASN B 133 -4.15 -6.01 9.66
C ASN B 133 -3.23 -7.07 10.30
N VAL B 134 -2.12 -7.32 9.60
CA VAL B 134 -1.18 -8.42 9.94
C VAL B 134 -0.57 -8.20 11.32
N GLY B 135 -0.20 -6.96 11.64
CA GLY B 135 0.44 -6.70 12.91
C GLY B 135 -0.50 -6.94 14.09
N LEU B 137 -3.03 -9.04 14.01
CA LEU B 137 -3.14 -10.54 14.06
C LEU B 137 -1.95 -11.15 14.80
N LYS B 138 -0.75 -10.70 14.44
CA LYS B 138 0.46 -11.20 15.11
C LYS B 138 0.44 -10.85 16.60
N ALA B 139 -0.20 -9.75 16.98
CA ALA B 139 -0.38 -9.42 18.41
C ALA B 139 -1.55 -10.15 19.08
N LYS B 140 -2.24 -11.01 18.35
CA LYS B 140 -3.35 -11.83 18.86
C LYS B 140 -4.53 -10.96 19.29
N GLU B 141 -4.67 -9.80 18.65
CA GLU B 141 -5.78 -8.88 18.89
C GLU B 141 -6.95 -9.28 18.02
N TRP B 142 -7.54 -10.44 18.33
CA TRP B 142 -8.51 -11.10 17.45
C TRP B 142 -9.75 -10.22 17.22
N GLU B 143 -10.22 -9.61 18.27
CA GLU B 143 -11.40 -8.76 18.14
C GLU B 143 -11.15 -7.54 17.23
N TYR B 144 -10.00 -6.86 17.38
CA TYR B 144 -9.63 -5.82 16.41
C TYR B 144 -9.68 -6.33 14.98
N VAL B 145 -9.02 -7.46 14.72
CA VAL B 145 -8.94 -8.01 13.36
C VAL B 145 -10.36 -8.36 12.84
N TYR B 146 -11.16 -8.97 13.69
CA TYR B 146 -12.57 -9.28 13.36
C TYR B 146 -13.39 -8.03 12.98
N GLU B 147 -13.32 -6.98 13.80
CA GLU B 147 -14.12 -5.80 13.54
C GLU B 147 -13.65 -5.09 12.26
N ASP B 148 -12.36 -5.13 12.01
CA ASP B 148 -11.76 -4.51 10.82
C ASP B 148 -12.36 -5.14 9.56
N ILE B 149 -12.49 -6.48 9.52
CA ILE B 149 -13.08 -7.22 8.40
C ILE B 149 -14.57 -7.04 8.34
N ARG B 150 -15.22 -7.17 9.48
CA ARG B 150 -16.68 -7.07 9.55
C ARG B 150 -17.21 -5.71 9.13
N SER B 151 -16.53 -4.65 9.52
CA SER B 151 -16.95 -3.32 9.13
C SER B 151 -16.92 -3.15 7.63
N VAL B 152 -15.92 -3.73 6.96
CA VAL B 152 -15.84 -3.68 5.48
C VAL B 152 -16.99 -4.51 4.85
N VAL B 153 -17.11 -5.76 5.30
CA VAL B 153 -18.13 -6.67 4.80
C VAL B 153 -19.50 -6.04 4.86
N GLU B 154 -19.87 -5.50 6.01
CA GLU B 154 -21.16 -4.89 6.19
C GLU B 154 -21.36 -3.64 5.37
N SER B 155 -20.29 -2.91 5.16
CA SER B 155 -20.36 -1.64 4.43
C SER B 155 -20.65 -1.83 2.98
N VAL B 156 -20.30 -3.00 2.43
CA VAL B 156 -20.59 -3.32 1.05
C VAL B 156 -21.46 -4.59 0.94
N LYS B 157 -22.46 -4.68 1.82
CA LYS B 157 -23.34 -5.86 1.88
C LYS B 157 -23.80 -6.17 0.47
N GLY B 158 -23.79 -7.43 0.08
CA GLY B 158 -24.24 -7.79 -1.27
C GLY B 158 -23.09 -7.87 -2.30
N LYS B 159 -21.92 -7.38 -1.94
CA LYS B 159 -20.74 -7.52 -2.79
C LYS B 159 -19.73 -8.49 -2.16
N VAL B 160 -19.01 -9.24 -3.00
CA VAL B 160 -18.02 -10.19 -2.55
C VAL B 160 -16.81 -9.48 -1.96
N VAL B 161 -16.43 -9.89 -0.75
CA VAL B 161 -15.23 -9.42 -0.08
C VAL B 161 -14.25 -10.59 0.12
N LYS B 162 -13.03 -10.36 -0.30
CA LYS B 162 -11.94 -11.31 -0.13
C LYS B 162 -10.97 -10.72 0.91
N VAL B 163 -10.48 -11.56 1.81
CA VAL B 163 -9.51 -11.10 2.79
C VAL B 163 -8.12 -11.68 2.43
N ILE B 164 -7.19 -10.77 2.13
CA ILE B 164 -5.79 -11.10 1.91
C ILE B 164 -5.12 -11.25 3.27
N ILE B 165 -4.68 -12.47 3.55
CA ILE B 165 -4.08 -12.75 4.84
C ILE B 165 -2.55 -12.57 4.87
N GLU B 166 -1.95 -12.53 3.67
CA GLU B 166 -0.53 -12.30 3.47
C GLU B 166 0.31 -13.38 4.15
N THR B 167 0.23 -14.59 3.59
CA THR B 167 0.80 -15.80 4.14
C THR B 167 2.31 -15.71 4.35
N CYS B 168 2.99 -14.89 3.57
CA CYS B 168 4.44 -14.78 3.73
C CYS B 168 4.87 -14.29 5.11
N TYR B 169 4.04 -13.56 5.85
CA TYR B 169 4.42 -13.10 7.21
C TYR B 169 3.85 -13.90 8.38
N LEU B 170 3.16 -15.01 8.10
CA LEU B 170 2.44 -15.76 9.11
C LEU B 170 2.99 -17.18 9.31
N ASP B 171 2.92 -17.65 10.54
CA ASP B 171 3.18 -19.08 10.81
C ASP B 171 1.89 -19.87 10.62
N THR B 172 1.94 -21.19 10.78
CA THR B 172 0.79 -22.05 10.46
C THR B 172 -0.43 -21.71 11.30
N GLU B 173 -0.23 -21.53 12.59
CA GLU B 173 -1.34 -21.23 13.45
C GLU B 173 -2.00 -19.87 13.14
N GLU B 174 -1.20 -18.90 12.72
CA GLU B 174 -1.71 -17.58 12.34
C GLU B 174 -2.46 -17.65 11.01
N LYS B 175 -2.02 -18.48 10.09
CA LYS B 175 -2.78 -18.67 8.86
C LYS B 175 -4.17 -19.25 9.19
N ILE B 176 -4.21 -20.19 10.13
CA ILE B 176 -5.49 -20.76 10.56
C ILE B 176 -6.36 -19.69 11.23
N ALA B 177 -5.77 -18.90 12.12
CA ALA B 177 -6.48 -17.86 12.82
C ALA B 177 -7.03 -16.85 11.80
N ALA B 178 -6.23 -16.47 10.80
CA ALA B 178 -6.69 -15.48 9.81
C ALA B 178 -7.92 -16.00 9.03
N CYS B 179 -7.91 -17.28 8.68
CA CYS B 179 -9.03 -17.86 7.97
C CYS B 179 -10.28 -17.96 8.81
N VAL B 180 -10.13 -18.41 10.05
CA VAL B 180 -11.25 -18.53 10.99
C VAL B 180 -11.86 -17.15 11.22
N ILE B 181 -11.03 -16.13 11.41
CA ILE B 181 -11.56 -14.80 11.64
C ILE B 181 -12.27 -14.26 10.40
N SER B 182 -11.67 -14.45 9.23
CA SER B 182 -12.25 -13.97 7.99
C SER B 182 -13.65 -14.59 7.78
N LYS B 183 -13.78 -15.88 8.08
CA LYS B 183 -15.05 -16.59 7.92
C LYS B 183 -16.09 -16.08 8.90
N LEU B 184 -15.70 -15.94 10.17
CA LEU B 184 -16.60 -15.42 11.21
C LEU B 184 -17.09 -14.00 10.92
N ALA B 185 -16.22 -13.18 10.32
CA ALA B 185 -16.57 -11.82 9.97
C ALA B 185 -17.42 -11.70 8.70
N GLY B 186 -17.72 -12.80 8.02
CA GLY B 186 -18.65 -12.80 6.92
C GLY B 186 -18.04 -12.58 5.53
N ALA B 187 -16.71 -12.66 5.43
CA ALA B 187 -16.02 -12.55 4.15
C ALA B 187 -16.34 -13.78 3.30
N HIS B 188 -16.19 -13.63 1.98
CA HIS B 188 -16.60 -14.67 1.02
C HIS B 188 -15.41 -15.50 0.53
N PHE B 189 -14.22 -14.91 0.56
CA PHE B 189 -12.96 -15.55 0.18
C PHE B 189 -11.85 -15.15 1.17
N VAL B 190 -10.85 -16.04 1.27
CA VAL B 190 -9.52 -15.69 1.75
C VAL B 190 -8.58 -15.78 0.57
N LYS B 191 -7.56 -14.93 0.58
CA LYS B 191 -6.58 -14.83 -0.52
C LYS B 191 -5.17 -14.88 0.08
N THR B 192 -4.25 -15.53 -0.64
CA THR B 192 -2.89 -15.76 -0.11
C THR B 192 -2.06 -14.49 0.09
N SER B 193 -1.95 -13.63 -0.93
CA SER B 193 -0.85 -12.70 -1.02
C SER B 193 -1.17 -11.43 -1.76
N THR B 194 -0.51 -10.34 -1.36
CA THR B 194 -0.66 -9.05 -2.06
C THR B 194 0.19 -8.95 -3.34
N GLY B 195 1.27 -9.71 -3.42
CA GLY B 195 2.33 -9.54 -4.41
C GLY B 195 3.33 -8.45 -4.06
N PHE B 196 3.17 -7.78 -2.91
CA PHE B 196 4.07 -6.73 -2.46
C PHE B 196 4.73 -7.17 -1.16
N GLY B 197 4.67 -8.46 -0.83
CA GLY B 197 5.32 -8.95 0.38
C GLY B 197 6.55 -9.75 -0.01
N THR B 198 6.95 -10.71 0.81
CA THR B 198 8.18 -11.46 0.58
C THR B 198 7.97 -12.82 -0.07
N GLY B 199 6.73 -13.14 -0.38
CA GLY B 199 6.40 -14.43 -0.99
C GLY B 199 4.97 -14.38 -1.46
N GLY B 200 4.65 -15.35 -2.29
CA GLY B 200 3.34 -15.45 -2.91
C GLY B 200 2.70 -16.81 -2.63
N ALA B 201 1.90 -17.24 -3.58
CA ALA B 201 1.05 -18.42 -3.38
C ALA B 201 1.86 -19.71 -3.37
N THR B 202 1.49 -20.63 -2.47
CA THR B 202 1.98 -22.01 -2.51
C THR B 202 0.78 -22.96 -2.41
N ALA B 203 0.97 -24.10 -3.02
CA ALA B 203 -0.03 -25.14 -3.00
C ALA B 203 -0.33 -25.54 -1.56
N GLU B 204 0.69 -25.57 -0.71
CA GLU B 204 0.50 -25.97 0.70
C GLU B 204 -0.38 -24.97 1.46
N ASP B 205 -0.19 -23.67 1.19
CA ASP B 205 -1.03 -22.64 1.81
C ASP B 205 -2.44 -22.66 1.30
N VAL B 206 -2.58 -22.79 -0.03
CA VAL B 206 -3.89 -22.81 -0.67
C VAL B 206 -4.72 -23.96 -0.16
N HIS B 207 -4.13 -25.17 -0.11
CA HIS B 207 -4.86 -26.32 0.39
C HIS B 207 -5.25 -26.19 1.86
N LEU B 208 -4.32 -25.70 2.69
CA LEU B 208 -4.58 -25.56 4.11
C LEU B 208 -5.76 -24.61 4.29
N LYS B 210 -8.11 -23.75 2.09
CA LYS B 210 -9.37 -24.35 1.62
C LYS B 210 -9.90 -25.40 2.61
N TRP B 211 -9.00 -26.14 3.23
CA TRP B 211 -9.38 -27.19 4.19
C TRP B 211 -10.01 -26.58 5.45
N ILE B 212 -9.49 -25.45 5.95
CA ILE B 212 -10.03 -24.76 7.10
C ILE B 212 -11.37 -24.09 6.77
N VAL B 213 -11.49 -23.42 5.63
CA VAL B 213 -12.73 -22.65 5.35
C VAL B 213 -13.84 -23.48 4.74
N GLY B 214 -13.49 -24.60 4.11
CA GLY B 214 -14.48 -25.53 3.56
C GLY B 214 -15.02 -25.13 2.19
N ASP B 215 -15.99 -25.88 1.70
CA ASP B 215 -16.44 -25.76 0.30
C ASP B 215 -17.36 -24.57 0.00
N GLU B 216 -17.86 -23.88 1.02
CA GLU B 216 -18.75 -22.77 0.76
C GLU B 216 -18.06 -21.41 0.87
N GLY B 218 -14.54 -19.28 -0.62
CA GLY B 218 -13.55 -19.38 -1.69
C GLY B 218 -12.13 -19.12 -1.23
N VAL B 219 -11.17 -19.63 -1.99
CA VAL B 219 -9.77 -19.34 -1.83
C VAL B 219 -9.26 -18.79 -3.17
N LYS B 220 -8.63 -17.64 -3.08
CA LYS B 220 -7.96 -17.06 -4.24
C LYS B 220 -6.44 -17.18 -4.05
N ALA B 221 -5.78 -17.86 -4.98
CA ALA B 221 -4.32 -18.01 -4.99
C ALA B 221 -3.74 -16.84 -5.79
N SER B 222 -2.75 -16.15 -5.21
CA SER B 222 -2.17 -14.97 -5.83
C SER B 222 -0.69 -14.80 -5.43
N GLY B 223 0.05 -14.17 -6.32
CA GLY B 223 1.45 -13.88 -6.09
C GLY B 223 2.30 -14.97 -6.66
N GLY B 224 3.11 -14.63 -7.66
CA GLY B 224 4.07 -15.56 -8.28
C GLY B 224 3.48 -16.57 -9.23
N ILE B 225 2.22 -16.44 -9.61
CA ILE B 225 1.59 -17.40 -10.55
C ILE B 225 1.87 -16.97 -12.01
N ARG B 226 2.79 -17.68 -12.67
CA ARG B 226 3.33 -17.19 -13.91
C ARG B 226 2.94 -18.01 -15.10
N THR B 227 2.74 -19.32 -14.90
CA THR B 227 2.56 -20.22 -16.01
C THR B 227 1.20 -20.96 -15.87
N PHE B 228 0.77 -21.52 -17.00
CA PHE B 228 -0.37 -22.38 -17.05
C PHE B 228 -0.24 -23.50 -16.04
N GLU B 229 0.93 -24.11 -15.96
CA GLU B 229 1.13 -25.23 -15.03
C GLU B 229 0.96 -24.73 -13.57
N ASP B 230 1.41 -23.52 -13.27
CA ASP B 230 1.25 -22.92 -11.91
C ASP B 230 -0.23 -22.76 -11.61
N ALA B 231 -0.98 -22.27 -12.60
CA ALA B 231 -2.40 -22.01 -12.40
C ALA B 231 -3.15 -23.32 -12.14
N VAL B 232 -2.82 -24.33 -12.92
CA VAL B 232 -3.44 -25.64 -12.79
C VAL B 232 -3.20 -26.25 -11.41
N LYS B 233 -1.94 -26.24 -10.98
CA LYS B 233 -1.56 -26.65 -9.66
C LYS B 233 -2.38 -25.98 -8.57
N ILE B 235 -5.32 -24.61 -8.68
CA ILE B 235 -6.71 -25.06 -8.76
C ILE B 235 -6.86 -26.49 -8.26
N TYR B 237 -5.18 -27.90 -5.95
CA TYR B 237 -5.07 -27.94 -4.49
C TYR B 237 -6.05 -27.04 -3.76
N GLY B 238 -7.01 -26.48 -4.49
CA GLY B 238 -8.19 -25.90 -3.86
C GLY B 238 -8.54 -24.47 -4.17
N ALA B 239 -7.73 -23.80 -4.99
CA ALA B 239 -8.04 -22.45 -5.45
C ALA B 239 -9.28 -22.41 -6.35
N ASP B 240 -10.16 -21.46 -6.04
CA ASP B 240 -11.34 -21.10 -6.85
C ASP B 240 -11.07 -19.93 -7.78
N ARG B 241 -10.12 -19.07 -7.41
CA ARG B 241 -9.73 -17.91 -8.21
C ARG B 241 -8.22 -17.78 -8.20
N ILE B 242 -7.69 -17.12 -9.24
CA ILE B 242 -6.28 -16.91 -9.45
CA ILE B 242 -6.28 -16.89 -9.42
C ILE B 242 -6.05 -15.40 -9.64
N GLY B 243 -5.23 -14.80 -8.78
CA GLY B 243 -4.75 -13.42 -8.94
C GLY B 243 -3.41 -13.47 -9.67
N THR B 244 -3.35 -12.90 -10.86
CA THR B 244 -2.11 -12.87 -11.63
C THR B 244 -2.12 -11.72 -12.65
N SER B 245 -0.93 -11.26 -13.03
N SER B 245 -0.93 -11.28 -13.04
CA SER B 245 -0.77 -10.36 -14.18
CA SER B 245 -0.75 -10.37 -14.17
C SER B 245 -0.30 -11.09 -15.44
C SER B 245 -0.32 -11.10 -15.44
N SER B 246 -0.10 -12.41 -15.34
CA SER B 246 0.48 -13.22 -16.45
C SER B 246 -0.58 -14.00 -17.23
N GLY B 247 -1.84 -13.64 -17.04
CA GLY B 247 -2.96 -14.30 -17.70
C GLY B 247 -2.80 -14.54 -19.22
N VAL B 248 -2.29 -13.57 -19.97
CA VAL B 248 -2.11 -13.76 -21.43
C VAL B 248 -1.13 -14.90 -21.71
N LYS B 249 0.00 -14.90 -21.01
CA LYS B 249 1.00 -15.98 -21.23
C LYS B 249 0.57 -17.32 -20.66
N ILE B 250 -0.17 -17.28 -19.57
CA ILE B 250 -0.81 -18.47 -19.02
C ILE B 250 -1.71 -19.16 -20.05
N VAL B 251 -2.62 -18.41 -20.65
CA VAL B 251 -3.52 -18.98 -21.69
C VAL B 251 -2.78 -19.48 -22.93
N GLN B 252 -1.90 -18.64 -23.47
CA GLN B 252 -1.15 -19.00 -24.67
C GLN B 252 -0.35 -20.25 -24.39
N GLY B 253 0.28 -20.29 -23.23
CA GLY B 253 1.02 -21.46 -22.77
C GLY B 253 0.23 -22.74 -22.75
N GLY B 254 -0.96 -22.72 -22.15
CA GLY B 254 -1.81 -23.92 -22.13
C GLY B 254 -2.27 -24.37 -23.52
N GLU B 255 -2.54 -23.41 -24.41
CA GLU B 255 -2.97 -23.71 -25.78
C GLU B 255 -1.83 -24.32 -26.56
N GLU B 256 -0.65 -23.74 -26.49
CA GLU B 256 0.52 -24.27 -27.19
C GLU B 256 0.87 -25.68 -26.69
N ARG B 257 0.92 -25.91 -25.40
CA ARG B 257 1.41 -27.19 -24.90
C ARG B 257 0.35 -28.26 -24.74
N TYR B 258 -0.91 -27.89 -24.53
CA TYR B 258 -1.99 -28.88 -24.31
C TYR B 258 -3.18 -28.80 -25.30
N GLY B 259 -3.22 -27.76 -26.13
CA GLY B 259 -4.27 -27.61 -27.16
C GLY B 259 -5.54 -26.94 -26.64
N GLY B 260 -6.41 -26.52 -27.56
CA GLY B 260 -7.68 -25.86 -27.18
C GLY B 260 -8.65 -26.80 -26.47
#